data_8V5Y
#
_entry.id   8V5Y
#
_cell.length_a   88.289
_cell.length_b   55.518
_cell.length_c   59.032
_cell.angle_alpha   90.000
_cell.angle_beta   121.179
_cell.angle_gamma   90.000
#
_symmetry.space_group_name_H-M   'C 1 2 1'
#
loop_
_entity.id
_entity.type
_entity.pdbx_description
1 polymer Profilin
2 polymer 'poly(L-proline) peptide'
3 non-polymer 'SULFATE ION'
4 water water
#
loop_
_entity_poly.entity_id
_entity_poly.type
_entity_poly.pdbx_seq_one_letter_code
_entity_poly.pdbx_strand_id
1 'polypeptide(L)'
;MHHHHHHSSGVDLGTENLYFQSGSGSWQSYVDNQICQHVDCRLAVIAGLQDGAVWAKFEKDLPKQITQQELKTIADAIRS
NPNSFLEGGIHLGGEKYICIQADNSLVRGRKGSSALCIVATNTCLLAAATVDGFPPGQLNNVVEKLGDYLKANNY
;
B,A
2 'polypeptide(L)' PPPPPP C
#
loop_
_chem_comp.id
_chem_comp.type
_chem_comp.name
_chem_comp.formula
SO4 non-polymer 'SULFATE ION' 'O4 S -2'
#
# COMPACT_ATOMS: atom_id res chain seq x y z
N GLY A 25 -3.79 10.29 -2.13
CA GLY A 25 -4.07 8.98 -2.72
C GLY A 25 -4.29 7.92 -1.63
N SER A 26 -3.81 6.72 -1.93
CA SER A 26 -3.94 5.58 -1.04
C SER A 26 -3.15 5.78 0.25
N TRP A 27 -1.97 6.38 0.19
CA TRP A 27 -1.19 6.63 1.40
C TRP A 27 -1.88 7.61 2.35
N GLN A 28 -2.49 8.67 1.80
CA GLN A 28 -3.17 9.62 2.65
C GLN A 28 -4.38 8.95 3.33
N SER A 29 -5.07 8.08 2.62
CA SER A 29 -6.22 7.40 3.18
C SER A 29 -5.78 6.42 4.25
N TYR A 30 -4.64 5.74 4.02
CA TYR A 30 -4.05 4.84 4.99
C TYR A 30 -3.74 5.60 6.29
N VAL A 31 -3.08 6.75 6.18
CA VAL A 31 -2.79 7.54 7.37
C VAL A 31 -4.08 7.91 8.11
N ASP A 32 -5.04 8.46 7.36
CA ASP A 32 -6.23 9.05 7.96
C ASP A 32 -7.10 7.95 8.56
N ASN A 33 -7.26 6.84 7.83
CA ASN A 33 -8.30 5.86 8.11
C ASN A 33 -7.75 4.71 8.93
N GLN A 34 -6.41 4.53 8.93
CA GLN A 34 -5.80 3.42 9.64
C GLN A 34 -4.96 3.94 10.80
N ILE A 35 -3.84 4.61 10.52
CA ILE A 35 -2.93 5.04 11.58
C ILE A 35 -3.64 5.98 12.57
N CYS A 36 -4.35 6.95 11.99
CA CYS A 36 -5.01 7.97 12.79
C CYS A 36 -6.29 7.45 13.43
N GLN A 37 -6.78 6.25 13.04
CA GLN A 37 -7.91 5.61 13.70
C GLN A 37 -7.41 4.86 14.95
N HIS A 38 -6.15 4.38 14.90
CA HIS A 38 -5.62 3.50 15.94
C HIS A 38 -4.67 4.23 16.88
N VAL A 39 -4.32 5.47 16.52
CA VAL A 39 -3.49 6.36 17.31
C VAL A 39 -4.14 7.74 17.26
N ASP A 40 -4.31 8.40 18.42
CA ASP A 40 -4.79 9.78 18.46
C ASP A 40 -3.60 10.69 18.22
N CYS A 41 -3.40 11.11 16.97
CA CYS A 41 -2.14 11.77 16.58
C CYS A 41 -2.27 13.30 16.53
N ARG A 42 -1.19 13.99 16.91
CA ARG A 42 -1.03 15.40 16.65
C ARG A 42 -0.49 15.55 15.23
N LEU A 43 0.27 14.52 14.78
CA LEU A 43 0.79 14.51 13.44
C LEU A 43 1.11 13.08 13.03
N ALA A 44 1.07 12.84 11.73
CA ALA A 44 1.59 11.64 11.14
C ALA A 44 2.16 11.99 9.76
N VAL A 45 3.28 11.37 9.40
CA VAL A 45 3.84 11.60 8.08
C VAL A 45 4.52 10.32 7.59
N ILE A 46 4.32 10.08 6.30
CA ILE A 46 5.03 9.04 5.58
C ILE A 46 5.87 9.74 4.52
N ALA A 47 7.16 9.43 4.46
CA ALA A 47 8.07 10.15 3.58
C ALA A 47 9.10 9.20 2.98
N GLY A 48 9.63 9.60 1.83
CA GLY A 48 10.81 8.96 1.25
C GLY A 48 12.05 9.25 2.09
N LEU A 49 12.84 8.21 2.37
CA LEU A 49 14.00 8.34 3.21
C LEU A 49 15.12 9.10 2.49
N GLN A 50 15.23 8.92 1.18
CA GLN A 50 16.37 9.45 0.44
C GLN A 50 16.26 10.96 0.25
N ASP A 51 15.06 11.48 -0.03
CA ASP A 51 14.85 12.89 -0.33
C ASP A 51 13.91 13.61 0.65
N GLY A 52 13.28 12.89 1.59
CA GLY A 52 12.28 13.47 2.49
C GLY A 52 10.99 13.92 1.76
N ALA A 53 10.73 13.35 0.60
CA ALA A 53 9.49 13.66 -0.11
C ALA A 53 8.33 13.03 0.65
N VAL A 54 7.29 13.85 0.89
CA VAL A 54 6.13 13.45 1.66
C VAL A 54 5.22 12.57 0.80
N TRP A 55 4.94 11.35 1.24
CA TRP A 55 3.94 10.53 0.56
C TRP A 55 2.54 10.89 1.08
N ALA A 56 2.44 11.15 2.38
CA ALA A 56 1.18 11.54 3.00
C ALA A 56 1.50 12.19 4.34
N LYS A 57 0.66 13.13 4.80
CA LYS A 57 0.87 13.69 6.12
C LYS A 57 -0.44 14.20 6.70
N PHE A 58 -0.56 14.15 8.04
CA PHE A 58 -1.69 14.71 8.75
C PHE A 58 -1.15 15.61 9.86
N GLU A 59 -1.82 16.74 10.09
CA GLU A 59 -1.39 17.71 11.08
C GLU A 59 -2.62 18.21 11.85
N LYS A 60 -2.49 18.31 13.19
CA LYS A 60 -3.55 18.81 14.05
C LYS A 60 -2.98 19.94 14.93
N ASP A 61 -3.29 21.17 14.55
CA ASP A 61 -2.93 22.38 15.29
C ASP A 61 -1.43 22.50 15.55
N LEU A 62 -0.60 22.24 14.54
CA LEU A 62 0.84 22.46 14.64
C LEU A 62 1.13 23.95 14.46
N PRO A 63 2.17 24.50 15.13
CA PRO A 63 2.62 25.87 14.89
C PRO A 63 2.88 26.15 13.41
N LYS A 64 3.50 25.20 12.70
CA LYS A 64 3.83 25.38 11.29
C LYS A 64 3.66 24.07 10.54
N GLN A 65 3.55 24.16 9.21
CA GLN A 65 3.49 22.99 8.36
C GLN A 65 4.78 22.18 8.55
N ILE A 66 4.65 20.86 8.51
CA ILE A 66 5.80 20.00 8.35
C ILE A 66 6.38 20.24 6.96
N THR A 67 7.70 20.41 6.88
CA THR A 67 8.41 20.74 5.65
C THR A 67 9.32 19.59 5.20
N GLN A 68 9.64 19.55 3.91
CA GLN A 68 10.58 18.58 3.34
C GLN A 68 11.96 18.75 4.01
N GLN A 69 12.35 20.00 4.30
CA GLN A 69 13.60 20.27 4.99
C GLN A 69 13.65 19.56 6.35
N GLU A 70 12.55 19.66 7.11
CA GLU A 70 12.48 18.99 8.41
C GLU A 70 12.66 17.50 8.22
N LEU A 71 12.03 16.94 7.19
CA LEU A 71 12.03 15.50 6.95
C LEU A 71 13.40 15.04 6.47
N LYS A 72 14.06 15.86 5.66
CA LYS A 72 15.38 15.54 5.14
C LYS A 72 16.39 15.52 6.28
N THR A 73 16.29 16.49 7.19
CA THR A 73 17.16 16.52 8.35
C THR A 73 17.01 15.24 9.18
N ILE A 74 15.76 14.82 9.43
CA ILE A 74 15.48 13.62 10.20
C ILE A 74 16.01 12.38 9.45
N ALA A 75 15.71 12.28 8.16
CA ALA A 75 16.20 11.15 7.36
C ALA A 75 17.72 11.06 7.44
N ASP A 76 18.40 12.18 7.26
CA ASP A 76 19.85 12.23 7.31
C ASP A 76 20.35 11.78 8.69
N ALA A 77 19.69 12.27 9.73
CA ALA A 77 20.15 12.04 11.09
C ALA A 77 19.95 10.58 11.48
N ILE A 78 18.78 9.98 11.18
CA ILE A 78 18.50 8.62 11.57
C ILE A 78 19.44 7.66 10.84
N ARG A 79 19.92 8.05 9.65
CA ARG A 79 20.77 7.18 8.84
C ARG A 79 22.24 7.31 9.22
N SER A 80 22.69 8.50 9.61
CA SER A 80 24.11 8.83 9.51
C SER A 80 24.74 8.94 10.89
N ASN A 81 24.08 9.69 11.77
CA ASN A 81 24.56 9.91 13.13
C ASN A 81 23.34 10.10 14.04
N PRO A 82 22.64 9.02 14.47
CA PRO A 82 21.39 9.18 15.22
C PRO A 82 21.62 9.93 16.53
N ASN A 83 22.87 9.91 17.03
CA ASN A 83 23.27 10.72 18.17
C ASN A 83 23.08 12.21 17.88
N SER A 84 22.93 12.57 16.60
CA SER A 84 22.72 13.95 16.22
C SER A 84 21.40 14.49 16.77
N PHE A 85 20.43 13.60 17.03
CA PHE A 85 19.14 14.04 17.55
C PHE A 85 19.25 14.53 19.00
N LEU A 86 20.27 14.10 19.73
CA LEU A 86 20.52 14.62 21.07
C LEU A 86 21.06 16.04 20.96
N GLU A 87 21.88 16.27 19.93
CA GLU A 87 22.52 17.55 19.68
C GLU A 87 21.50 18.57 19.17
N GLY A 88 20.77 18.25 18.08
CA GLY A 88 19.97 19.26 17.38
C GLY A 88 18.47 19.22 17.65
N GLY A 89 18.00 18.44 18.64
CA GLY A 89 16.57 18.24 18.89
C GLY A 89 15.92 17.41 17.78
N ILE A 90 14.61 17.16 17.91
CA ILE A 90 13.82 16.64 16.80
C ILE A 90 12.74 17.65 16.41
N HIS A 91 12.85 18.20 15.20
CA HIS A 91 12.06 19.34 14.77
C HIS A 91 11.05 18.91 13.73
N LEU A 92 9.77 19.05 14.08
CA LEU A 92 8.67 18.71 13.18
C LEU A 92 7.55 19.69 13.42
N GLY A 93 7.05 20.28 12.34
CA GLY A 93 5.87 21.11 12.41
C GLY A 93 6.06 22.29 13.36
N GLY A 94 7.29 22.79 13.43
CA GLY A 94 7.60 23.92 14.29
C GLY A 94 7.55 23.53 15.78
N GLU A 95 7.64 22.23 16.04
CA GLU A 95 7.70 21.77 17.42
C GLU A 95 9.00 21.00 17.68
N LYS A 96 9.45 21.08 18.93
CA LYS A 96 10.71 20.48 19.34
C LYS A 96 10.42 19.30 20.27
N TYR A 97 10.78 18.09 19.82
CA TYR A 97 10.75 16.90 20.65
C TYR A 97 12.16 16.64 21.17
N ILE A 98 12.20 16.17 22.42
CA ILE A 98 13.45 15.82 23.07
C ILE A 98 13.63 14.32 22.97
N CYS A 99 14.79 13.90 22.48
CA CYS A 99 15.07 12.51 22.22
C CYS A 99 15.26 11.70 23.50
N ILE A 100 14.57 10.54 23.58
CA ILE A 100 14.70 9.61 24.69
C ILE A 100 15.30 8.28 24.24
N GLN A 101 15.31 8.00 22.93
CA GLN A 101 15.86 6.76 22.37
C GLN A 101 16.31 7.02 20.93
N ALA A 102 17.51 6.56 20.57
CA ALA A 102 18.01 6.79 19.23
C ALA A 102 18.88 5.63 18.79
N ASP A 103 18.47 4.98 17.71
CA ASP A 103 19.37 4.14 16.93
C ASP A 103 19.05 4.29 15.45
N ASN A 104 19.63 3.43 14.60
CA ASN A 104 19.57 3.69 13.16
C ASN A 104 18.18 3.40 12.63
N SER A 105 17.39 2.61 13.36
CA SER A 105 16.11 2.20 12.83
C SER A 105 14.96 2.91 13.54
N LEU A 106 15.20 3.40 14.75
CA LEU A 106 14.11 3.80 15.62
C LEU A 106 14.56 5.00 16.47
N VAL A 107 13.75 6.07 16.43
CA VAL A 107 13.98 7.23 17.27
C VAL A 107 12.68 7.57 17.96
N ARG A 108 12.78 7.81 19.27
CA ARG A 108 11.65 8.19 20.09
CA ARG A 108 11.64 8.20 20.08
C ARG A 108 11.98 9.49 20.82
N GLY A 109 10.95 10.30 21.02
CA GLY A 109 11.09 11.56 21.72
C GLY A 109 9.80 11.90 22.46
N ARG A 110 9.88 12.99 23.23
CA ARG A 110 8.77 13.48 24.04
C ARG A 110 8.75 15.00 23.99
N LYS A 111 7.54 15.56 24.08
CA LYS A 111 7.34 16.97 24.32
C LYS A 111 6.10 17.07 25.20
N GLY A 112 6.29 17.47 26.45
CA GLY A 112 5.22 17.45 27.42
C GLY A 112 4.60 16.05 27.49
N SER A 113 3.27 16.00 27.36
CA SER A 113 2.48 14.77 27.39
C SER A 113 2.36 14.14 26.00
N SER A 114 3.14 14.62 25.03
CA SER A 114 3.11 14.10 23.67
C SER A 114 4.35 13.25 23.44
N ALA A 115 4.17 12.13 22.73
CA ALA A 115 5.24 11.21 22.38
C ALA A 115 5.42 11.18 20.87
N LEU A 116 6.67 11.01 20.41
CA LEU A 116 6.99 10.95 18.99
C LEU A 116 7.66 9.61 18.72
N CYS A 117 7.28 8.96 17.61
CA CYS A 117 7.97 7.76 17.20
C CYS A 117 8.35 7.89 15.74
N ILE A 118 9.62 7.59 15.45
CA ILE A 118 10.12 7.67 14.09
C ILE A 118 10.78 6.34 13.76
N VAL A 119 10.44 5.82 12.58
CA VAL A 119 11.04 4.57 12.10
C VAL A 119 11.58 4.80 10.69
N ALA A 120 12.79 4.27 10.45
CA ALA A 120 13.35 4.28 9.12
C ALA A 120 13.45 2.83 8.62
N THR A 121 12.91 2.57 7.43
CA THR A 121 13.11 1.32 6.71
C THR A 121 14.21 1.56 5.67
N ASN A 122 14.33 0.70 4.65
CA ASN A 122 15.36 0.91 3.65
C ASN A 122 15.11 2.19 2.85
N THR A 123 13.83 2.47 2.57
CA THR A 123 13.46 3.52 1.62
C THR A 123 12.41 4.48 2.18
N CYS A 124 11.91 4.29 3.42
CA CYS A 124 10.81 5.12 3.92
CA CYS A 124 10.85 5.16 3.91
C CYS A 124 11.15 5.63 5.32
N LEU A 125 10.65 6.83 5.62
CA LEU A 125 10.65 7.37 6.97
C LEU A 125 9.20 7.53 7.46
N LEU A 126 8.92 6.97 8.63
CA LEU A 126 7.58 7.02 9.23
C LEU A 126 7.67 7.83 10.53
N ALA A 127 6.72 8.75 10.76
CA ALA A 127 6.73 9.51 12.00
C ALA A 127 5.28 9.77 12.41
N ALA A 128 5.03 9.65 13.72
CA ALA A 128 3.77 10.11 14.28
C ALA A 128 4.00 10.54 15.73
N ALA A 129 3.23 11.54 16.15
CA ALA A 129 3.27 12.02 17.52
C ALA A 129 1.86 12.08 18.03
N THR A 130 1.71 11.86 19.35
CA THR A 130 0.39 11.73 19.95
C THR A 130 -0.14 13.07 20.44
N VAL A 131 -1.47 13.14 20.58
CA VAL A 131 -2.10 14.17 21.38
C VAL A 131 -1.87 13.82 22.85
N ASP A 132 -1.92 14.86 23.67
CA ASP A 132 -1.64 14.77 25.09
C ASP A 132 -2.38 13.58 25.71
N GLY A 133 -1.59 12.68 26.31
CA GLY A 133 -2.11 11.64 27.19
C GLY A 133 -2.40 10.32 26.47
N PHE A 134 -2.27 10.27 25.14
CA PHE A 134 -2.53 9.02 24.43
C PHE A 134 -1.39 8.03 24.70
N PRO A 135 -1.68 6.74 25.03
CA PRO A 135 -0.65 5.74 25.33
C PRO A 135 0.50 5.67 24.34
N PRO A 136 1.74 6.05 24.74
CA PRO A 136 2.87 5.98 23.82
C PRO A 136 3.09 4.59 23.22
N GLY A 137 2.79 3.54 23.99
CA GLY A 137 3.08 2.18 23.55
C GLY A 137 2.21 1.77 22.37
N GLN A 138 0.99 2.30 22.30
CA GLN A 138 0.14 2.09 21.15
C GLN A 138 0.73 2.81 19.94
N LEU A 139 1.15 4.08 20.13
CA LEU A 139 1.86 4.83 19.10
C LEU A 139 2.98 3.99 18.51
N ASN A 140 3.88 3.52 19.40
CA ASN A 140 5.09 2.83 19.00
C ASN A 140 4.73 1.55 18.24
N ASN A 141 3.75 0.78 18.75
CA ASN A 141 3.35 -0.47 18.12
C ASN A 141 2.88 -0.23 16.69
N VAL A 142 2.03 0.77 16.51
CA VAL A 142 1.42 1.03 15.21
C VAL A 142 2.48 1.46 14.20
N VAL A 143 3.31 2.44 14.58
CA VAL A 143 4.37 2.90 13.71
C VAL A 143 5.33 1.76 13.38
N GLU A 144 5.71 0.96 14.39
CA GLU A 144 6.74 -0.06 14.20
C GLU A 144 6.23 -1.20 13.32
N LYS A 145 4.97 -1.60 13.52
CA LYS A 145 4.32 -2.60 12.68
C LYS A 145 4.24 -2.16 11.22
N LEU A 146 4.02 -0.86 10.95
CA LEU A 146 4.02 -0.40 9.57
C LEU A 146 5.45 -0.47 8.99
N GLY A 147 6.47 -0.18 9.79
CA GLY A 147 7.85 -0.34 9.35
C GLY A 147 8.11 -1.79 8.97
N ASP A 148 7.57 -2.72 9.76
CA ASP A 148 7.74 -4.13 9.52
C ASP A 148 7.11 -4.56 8.19
N TYR A 149 5.91 -4.04 7.92
CA TYR A 149 5.22 -4.33 6.69
C TYR A 149 6.12 -3.99 5.49
N LEU A 150 6.84 -2.89 5.59
CA LEU A 150 7.65 -2.39 4.50
C LEU A 150 8.94 -3.19 4.38
N LYS A 151 9.57 -3.45 5.54
CA LYS A 151 10.83 -4.18 5.56
C LYS A 151 10.60 -5.60 5.08
N ALA A 152 9.39 -6.15 5.24
CA ALA A 152 9.08 -7.48 4.74
C ALA A 152 9.34 -7.61 3.23
N ASN A 153 9.19 -6.53 2.46
CA ASN A 153 9.46 -6.56 1.03
C ASN A 153 10.70 -5.75 0.70
N ASN A 154 11.52 -5.45 1.70
CA ASN A 154 12.80 -4.78 1.49
C ASN A 154 12.62 -3.29 1.19
N TYR A 155 11.44 -2.74 1.46
CA TYR A 155 11.22 -1.31 1.37
C TYR A 155 11.77 -0.62 2.63
N GLY B 23 -4.38 -3.35 10.10
CA GLY B 23 -3.14 -2.57 10.14
C GLY B 23 -1.90 -3.41 9.80
N SER B 24 -1.24 -3.06 8.70
CA SER B 24 0.08 -3.54 8.35
C SER B 24 0.04 -5.04 7.98
N GLY B 25 -1.10 -5.52 7.49
CA GLY B 25 -1.20 -6.88 6.99
C GLY B 25 -0.62 -6.98 5.57
N SER B 26 -0.08 -8.15 5.22
CA SER B 26 0.55 -8.31 3.93
C SER B 26 -0.51 -8.39 2.83
N TRP B 27 -0.12 -7.91 1.66
CA TRP B 27 -0.94 -8.03 0.46
C TRP B 27 -1.11 -9.51 0.10
N GLN B 28 -0.11 -10.34 0.39
CA GLN B 28 -0.19 -11.75 0.04
C GLN B 28 -1.29 -12.44 0.86
N SER B 29 -1.41 -12.06 2.14
CA SER B 29 -2.45 -12.64 2.96
C SER B 29 -3.84 -12.19 2.45
N TYR B 30 -3.92 -10.92 2.07
CA TYR B 30 -5.15 -10.33 1.60
C TYR B 30 -5.66 -11.00 0.32
N VAL B 31 -4.77 -11.21 -0.64
CA VAL B 31 -5.13 -11.89 -1.87
C VAL B 31 -5.56 -13.31 -1.57
N ASP B 32 -4.78 -14.02 -0.75
CA ASP B 32 -5.09 -15.40 -0.44
C ASP B 32 -6.46 -15.52 0.26
N ASN B 33 -6.77 -14.54 1.13
CA ASN B 33 -8.00 -14.53 1.89
C ASN B 33 -9.19 -13.99 1.07
N GLN B 34 -9.10 -12.74 0.63
CA GLN B 34 -10.22 -12.01 0.03
C GLN B 34 -10.62 -12.59 -1.33
N ILE B 35 -9.65 -13.13 -2.06
CA ILE B 35 -9.96 -13.71 -3.35
C ILE B 35 -9.93 -15.22 -3.23
N CYS B 36 -8.79 -15.80 -2.86
CA CYS B 36 -8.56 -17.22 -3.16
C CYS B 36 -9.34 -18.15 -2.24
N GLN B 37 -9.75 -17.70 -1.05
CA GLN B 37 -10.60 -18.48 -0.17
C GLN B 37 -12.07 -18.39 -0.58
N HIS B 38 -12.41 -17.45 -1.50
CA HIS B 38 -13.79 -17.21 -1.90
C HIS B 38 -14.08 -17.77 -3.29
N VAL B 39 -13.06 -18.15 -4.04
CA VAL B 39 -13.27 -18.77 -5.35
C VAL B 39 -12.13 -19.77 -5.61
N ASP B 40 -12.42 -20.81 -6.40
CA ASP B 40 -11.42 -21.78 -6.79
C ASP B 40 -10.61 -21.20 -7.95
N CYS B 41 -9.48 -20.55 -7.66
CA CYS B 41 -8.71 -19.80 -8.66
CA CYS B 41 -8.76 -19.83 -8.71
C CYS B 41 -7.55 -20.57 -9.32
N ARG B 42 -7.34 -20.29 -10.61
CA ARG B 42 -6.12 -20.72 -11.29
C ARG B 42 -5.06 -19.66 -11.02
N LEU B 43 -5.51 -18.41 -10.84
CA LEU B 43 -4.61 -17.29 -10.58
C LEU B 43 -5.37 -16.15 -9.91
N ALA B 44 -4.64 -15.33 -9.14
CA ALA B 44 -5.19 -14.14 -8.51
C ALA B 44 -4.04 -13.16 -8.29
N VAL B 45 -4.23 -11.89 -8.66
CA VAL B 45 -3.13 -10.94 -8.59
C VAL B 45 -3.67 -9.54 -8.24
N ILE B 46 -2.99 -8.88 -7.30
CA ILE B 46 -3.20 -7.44 -7.08
C ILE B 46 -1.91 -6.75 -7.52
N ALA B 47 -2.06 -5.72 -8.36
CA ALA B 47 -0.93 -5.05 -8.98
C ALA B 47 -1.20 -3.55 -9.07
N GLY B 48 -0.14 -2.76 -9.15
CA GLY B 48 -0.25 -1.32 -9.21
C GLY B 48 -0.69 -0.90 -10.60
N LEU B 49 -1.60 0.07 -10.60
CA LEU B 49 -2.28 0.50 -11.82
C LEU B 49 -1.35 1.34 -12.67
N GLN B 50 -0.41 2.07 -12.06
CA GLN B 50 0.53 2.89 -12.82
C GLN B 50 1.55 2.04 -13.58
N ASP B 51 2.17 1.08 -12.89
CA ASP B 51 3.42 0.45 -13.33
C ASP B 51 3.31 -1.06 -13.52
N GLY B 52 2.16 -1.64 -13.15
CA GLY B 52 1.94 -3.07 -13.21
C GLY B 52 2.76 -3.84 -12.18
N ALA B 53 3.26 -3.15 -11.14
CA ALA B 53 4.06 -3.82 -10.13
C ALA B 53 3.14 -4.74 -9.32
N VAL B 54 3.54 -6.00 -9.17
CA VAL B 54 2.77 -6.99 -8.43
C VAL B 54 2.80 -6.67 -6.95
N TRP B 55 1.65 -6.49 -6.30
CA TRP B 55 1.65 -6.33 -4.85
C TRP B 55 1.63 -7.70 -4.19
N ALA B 56 0.83 -8.62 -4.76
CA ALA B 56 0.77 -10.00 -4.33
C ALA B 56 0.10 -10.80 -5.43
N LYS B 57 0.50 -12.07 -5.58
CA LYS B 57 -0.21 -12.93 -6.49
C LYS B 57 -0.15 -14.37 -6.02
N PHE B 58 -1.15 -15.15 -6.43
CA PHE B 58 -1.22 -16.58 -6.20
C PHE B 58 -1.43 -17.25 -7.55
N GLU B 59 -0.84 -18.42 -7.74
CA GLU B 59 -0.99 -19.16 -8.99
C GLU B 59 -1.10 -20.65 -8.66
N LYS B 60 -1.78 -21.38 -9.55
CA LYS B 60 -1.83 -22.83 -9.46
C LYS B 60 -0.75 -23.40 -10.40
N ASP B 61 -1.14 -23.79 -11.61
CA ASP B 61 -0.23 -24.41 -12.56
C ASP B 61 -0.36 -23.71 -13.91
N LEU B 62 0.09 -22.45 -13.98
CA LEU B 62 0.02 -21.64 -15.18
C LEU B 62 1.14 -22.02 -16.14
N PRO B 63 0.93 -21.94 -17.47
CA PRO B 63 2.01 -22.18 -18.44
C PRO B 63 3.27 -21.34 -18.18
N LYS B 64 3.09 -20.10 -17.74
CA LYS B 64 4.20 -19.26 -17.34
C LYS B 64 3.78 -18.38 -16.17
N GLN B 65 4.77 -17.90 -15.43
CA GLN B 65 4.47 -17.02 -14.32
C GLN B 65 3.85 -15.75 -14.89
N ILE B 66 2.92 -15.17 -14.14
CA ILE B 66 2.44 -13.84 -14.45
C ILE B 66 3.62 -12.88 -14.35
N THR B 67 3.79 -11.98 -15.33
CA THR B 67 4.90 -11.05 -15.41
C THR B 67 4.44 -9.59 -15.25
N GLN B 68 5.38 -8.71 -14.87
CA GLN B 68 5.13 -7.28 -14.75
C GLN B 68 4.68 -6.72 -16.10
N GLN B 69 5.31 -7.20 -17.18
CA GLN B 69 5.00 -6.78 -18.54
C GLN B 69 3.53 -7.05 -18.85
N GLU B 70 3.06 -8.27 -18.54
CA GLU B 70 1.68 -8.64 -18.77
C GLU B 70 0.76 -7.67 -18.02
N LEU B 71 1.14 -7.35 -16.77
CA LEU B 71 0.27 -6.54 -15.93
C LEU B 71 0.27 -5.08 -16.38
N LYS B 72 1.44 -4.58 -16.83
CA LYS B 72 1.56 -3.22 -17.32
C LYS B 72 0.73 -3.04 -18.58
N THR B 73 0.77 -4.04 -19.46
CA THR B 73 -0.02 -3.97 -20.68
C THR B 73 -1.52 -3.86 -20.35
N ILE B 74 -2.00 -4.68 -19.39
CA ILE B 74 -3.39 -4.67 -18.97
C ILE B 74 -3.73 -3.32 -18.34
N ALA B 75 -2.90 -2.88 -17.39
CA ALA B 75 -3.14 -1.63 -16.69
C ALA B 75 -3.24 -0.48 -17.70
N ASP B 76 -2.28 -0.43 -18.63
CA ASP B 76 -2.26 0.66 -19.60
C ASP B 76 -3.51 0.57 -20.48
N ALA B 77 -3.89 -0.65 -20.88
CA ALA B 77 -5.01 -0.82 -21.79
C ALA B 77 -6.34 -0.46 -21.10
N ILE B 78 -6.59 -0.95 -19.88
CA ILE B 78 -7.86 -0.71 -19.22
C ILE B 78 -8.02 0.79 -18.92
N ARG B 79 -6.90 1.51 -18.71
CA ARG B 79 -6.95 2.93 -18.36
C ARG B 79 -7.06 3.83 -19.59
N SER B 80 -6.49 3.41 -20.72
CA SER B 80 -6.42 4.21 -21.93
C SER B 80 -7.48 3.84 -22.96
N ASN B 81 -7.59 2.53 -23.25
CA ASN B 81 -8.40 2.06 -24.38
C ASN B 81 -8.87 0.62 -24.11
N PRO B 82 -9.92 0.41 -23.29
CA PRO B 82 -10.37 -0.93 -22.94
C PRO B 82 -10.77 -1.76 -24.16
N ASN B 83 -11.24 -1.08 -25.20
CA ASN B 83 -11.67 -1.75 -26.44
C ASN B 83 -10.48 -2.46 -27.07
N SER B 84 -9.26 -2.07 -26.69
CA SER B 84 -8.03 -2.62 -27.28
C SER B 84 -7.96 -4.13 -27.03
N PHE B 85 -8.61 -4.60 -25.95
CA PHE B 85 -8.59 -6.02 -25.63
C PHE B 85 -9.27 -6.89 -26.69
N LEU B 86 -10.13 -6.29 -27.52
CA LEU B 86 -10.69 -6.98 -28.68
C LEU B 86 -9.65 -7.33 -29.74
N GLU B 87 -8.50 -6.65 -29.75
CA GLU B 87 -7.45 -6.89 -30.73
C GLU B 87 -6.30 -7.63 -30.05
N GLY B 88 -6.37 -8.97 -30.05
CA GLY B 88 -5.31 -9.81 -29.52
C GLY B 88 -5.66 -10.48 -28.18
N GLY B 89 -6.67 -9.98 -27.50
CA GLY B 89 -7.17 -10.62 -26.30
C GLY B 89 -6.46 -10.09 -25.06
N ILE B 90 -6.55 -10.90 -24.02
CA ILE B 90 -6.02 -10.59 -22.71
C ILE B 90 -4.97 -11.65 -22.36
N HIS B 91 -3.72 -11.22 -22.19
CA HIS B 91 -2.62 -12.14 -21.93
C HIS B 91 -2.21 -12.12 -20.46
N LEU B 92 -2.32 -13.29 -19.80
CA LEU B 92 -1.94 -13.47 -18.40
C LEU B 92 -1.48 -14.91 -18.18
N GLY B 93 -0.35 -15.08 -17.50
CA GLY B 93 0.14 -16.39 -17.16
C GLY B 93 0.45 -17.22 -18.40
N GLY B 94 0.79 -16.53 -19.49
CA GLY B 94 1.15 -17.20 -20.72
C GLY B 94 -0.10 -17.74 -21.42
N GLU B 95 -1.28 -17.24 -21.02
CA GLU B 95 -2.51 -17.69 -21.64
C GLU B 95 -3.29 -16.51 -22.22
N LYS B 96 -4.05 -16.81 -23.29
CA LYS B 96 -4.88 -15.82 -23.95
C LYS B 96 -6.36 -16.03 -23.61
N TYR B 97 -6.96 -14.98 -23.03
CA TYR B 97 -8.39 -14.95 -22.77
C TYR B 97 -9.04 -14.09 -23.84
N ILE B 98 -10.19 -14.56 -24.35
CA ILE B 98 -10.98 -13.80 -25.31
C ILE B 98 -11.93 -12.89 -24.54
N CYS B 99 -11.96 -11.62 -24.93
CA CYS B 99 -12.69 -10.61 -24.20
C CYS B 99 -14.20 -10.72 -24.41
N ILE B 100 -14.98 -10.64 -23.31
CA ILE B 100 -16.43 -10.67 -23.35
C ILE B 100 -17.01 -9.34 -22.85
N GLN B 101 -16.25 -8.57 -22.06
CA GLN B 101 -16.66 -7.26 -21.57
C GLN B 101 -15.39 -6.40 -21.42
N ALA B 102 -15.47 -5.13 -21.79
CA ALA B 102 -14.36 -4.21 -21.59
C ALA B 102 -14.89 -2.80 -21.36
N ASP B 103 -14.55 -2.24 -20.19
CA ASP B 103 -14.64 -0.81 -19.95
C ASP B 103 -13.54 -0.42 -18.97
N ASN B 104 -13.57 0.83 -18.49
CA ASN B 104 -12.43 1.37 -17.76
C ASN B 104 -12.33 0.74 -16.38
N SER B 105 -13.43 0.17 -15.88
CA SER B 105 -13.41 -0.36 -14.53
C SER B 105 -13.40 -1.88 -14.51
N LEU B 106 -13.78 -2.55 -15.61
CA LEU B 106 -14.06 -3.96 -15.60
C LEU B 106 -13.75 -4.57 -16.97
N VAL B 107 -12.91 -5.61 -16.97
CA VAL B 107 -12.65 -6.42 -18.15
C VAL B 107 -12.88 -7.87 -17.80
N ARG B 108 -13.63 -8.58 -18.67
CA ARG B 108 -13.93 -9.99 -18.49
C ARG B 108 -13.52 -10.75 -19.74
N GLY B 109 -13.07 -11.99 -19.54
CA GLY B 109 -12.77 -12.85 -20.66
C GLY B 109 -12.92 -14.32 -20.27
N ARG B 110 -12.62 -15.17 -21.25
CA ARG B 110 -12.79 -16.61 -21.11
C ARG B 110 -11.70 -17.29 -21.92
N LYS B 111 -11.17 -18.37 -21.36
CA LYS B 111 -10.44 -19.35 -22.13
C LYS B 111 -11.00 -20.73 -21.78
N GLY B 112 -11.63 -21.36 -22.79
CA GLY B 112 -12.42 -22.56 -22.58
C GLY B 112 -13.43 -22.32 -21.46
N SER B 113 -13.45 -23.19 -20.45
CA SER B 113 -14.39 -23.07 -19.34
C SER B 113 -13.76 -22.33 -18.15
N SER B 114 -12.61 -21.67 -18.38
CA SER B 114 -12.02 -20.79 -17.39
C SER B 114 -12.38 -19.34 -17.68
N ALA B 115 -12.74 -18.63 -16.63
CA ALA B 115 -13.24 -17.27 -16.67
C ALA B 115 -12.21 -16.36 -16.02
N LEU B 116 -12.04 -15.15 -16.57
CA LEU B 116 -11.12 -14.16 -16.05
C LEU B 116 -11.92 -12.90 -15.72
N CYS B 117 -11.62 -12.29 -14.58
CA CYS B 117 -12.26 -11.03 -14.23
C CYS B 117 -11.21 -10.05 -13.74
N ILE B 118 -11.19 -8.86 -14.32
CA ILE B 118 -10.20 -7.84 -14.00
C ILE B 118 -10.93 -6.54 -13.69
N VAL B 119 -10.54 -5.91 -12.59
CA VAL B 119 -11.10 -4.66 -12.14
C VAL B 119 -9.98 -3.66 -11.91
N ALA B 120 -10.26 -2.39 -12.22
CA ALA B 120 -9.36 -1.31 -11.87
C ALA B 120 -10.03 -0.43 -10.82
N THR B 121 -9.27 -0.11 -9.77
CA THR B 121 -9.71 0.81 -8.73
C THR B 121 -8.97 2.12 -8.98
N ASN B 122 -8.86 2.98 -7.96
CA ASN B 122 -8.11 4.22 -8.10
C ASN B 122 -6.62 3.94 -8.38
N THR B 123 -6.06 2.92 -7.72
CA THR B 123 -4.61 2.74 -7.68
C THR B 123 -4.19 1.31 -8.02
N CYS B 124 -5.12 0.35 -8.11
CA CYS B 124 -4.67 -1.01 -8.33
C CYS B 124 -5.45 -1.69 -9.44
N LEU B 125 -4.90 -2.81 -9.89
CA LEU B 125 -5.57 -3.71 -10.80
C LEU B 125 -5.78 -5.02 -10.04
N LEU B 126 -7.02 -5.54 -10.02
CA LEU B 126 -7.32 -6.82 -9.40
C LEU B 126 -7.68 -7.79 -10.52
N ALA B 127 -7.08 -8.99 -10.52
CA ALA B 127 -7.41 -9.98 -11.53
C ALA B 127 -7.45 -11.37 -10.92
N ALA B 128 -8.41 -12.17 -11.36
CA ALA B 128 -8.45 -13.58 -11.00
C ALA B 128 -9.11 -14.37 -12.12
N ALA B 129 -8.62 -15.58 -12.34
CA ALA B 129 -9.22 -16.52 -13.28
C ALA B 129 -9.52 -17.80 -12.52
N THR B 130 -10.65 -18.43 -12.86
CA THR B 130 -11.10 -19.61 -12.11
C THR B 130 -10.64 -20.88 -12.80
N VAL B 131 -10.68 -22.00 -12.07
CA VAL B 131 -10.47 -23.31 -12.67
C VAL B 131 -11.65 -23.61 -13.59
N ASP B 132 -11.37 -24.44 -14.60
CA ASP B 132 -12.36 -24.92 -15.55
C ASP B 132 -13.66 -25.31 -14.82
N GLY B 133 -14.77 -24.68 -15.22
CA GLY B 133 -16.09 -25.13 -14.82
C GLY B 133 -16.64 -24.38 -13.60
N PHE B 134 -15.79 -23.62 -12.89
CA PHE B 134 -16.26 -22.87 -11.73
C PHE B 134 -17.17 -21.73 -12.18
N PRO B 135 -18.31 -21.48 -11.49
CA PRO B 135 -19.27 -20.45 -11.94
C PRO B 135 -18.64 -19.07 -12.20
N PRO B 136 -18.62 -18.57 -13.45
CA PRO B 136 -18.10 -17.23 -13.71
C PRO B 136 -18.74 -16.12 -12.86
N GLY B 137 -20.03 -16.26 -12.56
CA GLY B 137 -20.80 -15.25 -11.84
C GLY B 137 -20.29 -15.05 -10.41
N GLN B 138 -19.84 -16.13 -9.80
CA GLN B 138 -19.24 -16.07 -8.47
C GLN B 138 -17.90 -15.34 -8.51
N LEU B 139 -17.03 -15.74 -9.46
CA LEU B 139 -15.76 -15.06 -9.67
C LEU B 139 -16.00 -13.55 -9.80
N ASN B 140 -16.93 -13.17 -10.68
CA ASN B 140 -17.12 -11.77 -11.02
C ASN B 140 -17.60 -11.01 -9.79
N ASN B 141 -18.53 -11.62 -9.04
CA ASN B 141 -19.10 -10.97 -7.86
CA ASN B 141 -19.10 -11.01 -7.85
C ASN B 141 -18.00 -10.74 -6.83
N VAL B 142 -17.14 -11.73 -6.59
CA VAL B 142 -16.10 -11.61 -5.58
C VAL B 142 -15.11 -10.51 -5.98
N VAL B 143 -14.57 -10.59 -7.19
CA VAL B 143 -13.62 -9.60 -7.68
C VAL B 143 -14.24 -8.21 -7.66
N GLU B 144 -15.49 -8.09 -8.14
CA GLU B 144 -16.07 -6.76 -8.34
C GLU B 144 -16.41 -6.15 -6.98
N LYS B 145 -16.93 -6.95 -6.05
CA LYS B 145 -17.21 -6.50 -4.68
C LYS B 145 -15.91 -6.03 -4.01
N LEU B 146 -14.80 -6.74 -4.22
CA LEU B 146 -13.56 -6.36 -3.56
C LEU B 146 -13.01 -5.08 -4.20
N GLY B 147 -13.15 -4.98 -5.53
CA GLY B 147 -12.82 -3.73 -6.22
C GLY B 147 -13.59 -2.54 -5.65
N ASP B 148 -14.88 -2.74 -5.40
CA ASP B 148 -15.73 -1.65 -4.93
C ASP B 148 -15.30 -1.22 -3.54
N TYR B 149 -15.02 -2.21 -2.69
CA TYR B 149 -14.59 -1.95 -1.33
C TYR B 149 -13.31 -1.12 -1.35
N LEU B 150 -12.37 -1.51 -2.21
CA LEU B 150 -11.08 -0.85 -2.30
C LEU B 150 -11.26 0.60 -2.79
N LYS B 151 -12.10 0.79 -3.83
CA LYS B 151 -12.35 2.13 -4.36
C LYS B 151 -12.93 3.02 -3.27
N ALA B 152 -13.85 2.46 -2.48
CA ALA B 152 -14.51 3.21 -1.42
C ALA B 152 -13.50 3.65 -0.36
N ASN B 153 -12.37 2.94 -0.24
CA ASN B 153 -11.31 3.30 0.71
C ASN B 153 -10.21 4.11 0.03
N ASN B 154 -10.45 4.54 -1.21
CA ASN B 154 -9.54 5.41 -1.96
C ASN B 154 -8.34 4.60 -2.48
N TYR B 155 -8.47 3.29 -2.59
CA TYR B 155 -7.44 2.46 -3.21
C TYR B 155 -7.86 2.13 -4.65
N PRO C 1 6.15 2.21 -3.05
CA PRO C 1 5.56 0.99 -2.51
C PRO C 1 4.16 1.28 -2.00
N PRO C 2 3.21 0.33 -2.18
CA PRO C 2 1.82 0.53 -1.77
C PRO C 2 1.68 0.51 -0.26
N PRO C 3 0.67 1.19 0.29
CA PRO C 3 0.35 1.03 1.71
C PRO C 3 -0.28 -0.34 1.97
N PRO C 4 -0.40 -0.78 3.25
CA PRO C 4 -1.09 -2.03 3.54
C PRO C 4 -2.54 -2.04 3.07
N PRO C 5 -3.14 -3.24 2.88
CA PRO C 5 -4.56 -3.35 2.56
C PRO C 5 -5.39 -2.59 3.58
N PRO C 6 -6.48 -1.92 3.14
CA PRO C 6 -7.33 -1.15 4.05
C PRO C 6 -8.02 -2.05 5.07
S SO4 D . 0.59 27.66 6.35
O1 SO4 D . 0.42 26.95 7.61
O2 SO4 D . 0.32 26.75 5.25
O3 SO4 D . -0.33 28.76 6.31
O4 SO4 D . 1.93 28.15 6.27
S SO4 E . -9.31 -1.99 11.11
O1 SO4 E . -9.60 -2.73 12.30
O2 SO4 E . -10.50 -1.90 10.30
O3 SO4 E . -8.90 -0.65 11.46
O4 SO4 E . -8.25 -2.65 10.39
S SO4 F . -2.93 18.13 21.27
O1 SO4 F . -2.29 17.86 19.99
O2 SO4 F . -2.93 19.55 21.53
O3 SO4 F . -4.29 17.68 21.22
O4 SO4 F . -2.23 17.47 22.34
S SO4 G . -8.38 -11.95 -33.91
O1 SO4 G . -8.09 -11.28 -35.14
O2 SO4 G . -7.79 -11.22 -32.81
O3 SO4 G . -9.83 -12.04 -33.75
O4 SO4 G . -7.83 -13.28 -33.96
#